data_6Q5R
#
_entry.id   6Q5R
#
_cell.length_a   45.626
_cell.length_b   46.748
_cell.length_c   48.162
_cell.angle_alpha   88.70
_cell.angle_beta   61.70
_cell.angle_gamma   81.67
#
_symmetry.space_group_name_H-M   'P 1'
#
loop_
_entity.id
_entity.type
_entity.pdbx_description
1 polymer CC-Hex*-LL-KgEb
2 non-polymer GLYCEROL
3 water water
#
_entity_poly.entity_id   1
_entity_poly.type   'polypeptide(L)'
_entity_poly.pdbx_seq_one_letter_code
;(ACE)GKLEALAQKLEALAKKLEALAWKLEALAQG(NH2)
;
_entity_poly.pdbx_strand_id   A,B,C,D,E,F,G,H,I,J,K,L
#
# COMPACT_ATOMS: atom_id res chain seq x y z
N GLY A 2 20.67 11.06 -16.14
CA GLY A 2 19.60 11.88 -15.61
C GLY A 2 18.80 11.14 -14.56
N LYS A 3 17.78 11.79 -14.02
CA LYS A 3 17.01 11.16 -12.94
C LYS A 3 16.28 9.92 -13.43
N LEU A 4 15.80 9.93 -14.68
CA LEU A 4 15.06 8.78 -15.20
C LEU A 4 15.96 7.56 -15.29
N GLU A 5 17.18 7.73 -15.78
CA GLU A 5 18.12 6.62 -15.86
C GLU A 5 18.41 6.05 -14.47
N ALA A 6 18.56 6.92 -13.48
CA ALA A 6 18.79 6.44 -12.12
C ALA A 6 17.62 5.62 -11.62
N LEU A 7 16.40 6.06 -11.93
CA LEU A 7 15.22 5.31 -11.50
C LEU A 7 15.12 3.96 -12.21
N ALA A 8 15.42 3.93 -13.50
CA ALA A 8 15.37 2.68 -14.25
C ALA A 8 16.38 1.67 -13.70
N GLN A 9 17.57 2.14 -13.36
CA GLN A 9 18.58 1.28 -12.78
C GLN A 9 18.11 0.73 -11.45
N LYS A 10 17.45 1.56 -10.65
CA LYS A 10 16.94 1.09 -9.36
C LYS A 10 15.85 0.05 -9.57
N LEU A 11 15.01 0.23 -10.60
CA LEU A 11 13.97 -0.75 -10.85
C LEU A 11 14.56 -2.09 -11.27
N GLU A 12 15.58 -2.07 -12.13
CA GLU A 12 16.23 -3.30 -12.55
C GLU A 12 16.84 -4.02 -11.37
N ALA A 13 17.47 -3.26 -10.46
CA ALA A 13 18.10 -3.86 -9.29
C ALA A 13 17.05 -4.53 -8.43
N LEU A 14 15.89 -3.89 -8.27
CA LEU A 14 14.86 -4.48 -7.41
C LEU A 14 14.25 -5.72 -8.07
N ALA A 15 14.12 -5.69 -9.40
CA ALA A 15 13.62 -6.86 -10.12
C ALA A 15 14.55 -8.05 -9.91
N LYS A 16 15.86 -7.80 -9.93
CA LYS A 16 16.82 -8.86 -9.73
C LYS A 16 16.78 -9.37 -8.30
N LYS A 17 16.62 -8.48 -7.32
CA LYS A 17 16.46 -8.91 -5.94
C LYS A 17 15.22 -9.79 -5.80
N LEU A 18 14.13 -9.42 -6.46
CA LEU A 18 12.91 -10.23 -6.39
C LEU A 18 13.13 -11.61 -6.98
N GLU A 19 13.90 -11.71 -8.07
CA GLU A 19 14.23 -13.00 -8.66
C GLU A 19 15.05 -13.85 -7.69
N ALA A 20 15.97 -13.22 -6.94
CA ALA A 20 16.75 -13.95 -5.94
C ALA A 20 15.85 -14.45 -4.81
N LEU A 21 14.88 -13.64 -4.40
CA LEU A 21 13.98 -14.08 -3.34
C LEU A 21 13.07 -15.19 -3.82
N ALA A 22 12.62 -15.11 -5.07
CA ALA A 22 11.79 -16.17 -5.65
C ALA A 22 12.56 -17.49 -5.70
N TRP A 23 13.84 -17.40 -6.03
CA TRP A 23 14.69 -18.58 -6.06
C TRP A 23 14.78 -19.21 -4.68
N LYS A 24 14.98 -18.37 -3.66
CA LYS A 24 15.02 -18.85 -2.28
C LYS A 24 13.70 -19.52 -1.92
N LEU A 25 12.57 -18.94 -2.32
CA LEU A 25 11.29 -19.59 -2.03
C LEU A 25 11.18 -20.94 -2.73
N GLU A 26 11.61 -21.00 -3.98
CA GLU A 26 11.63 -22.26 -4.71
C GLU A 26 12.51 -23.28 -3.99
N ALA A 27 13.67 -22.85 -3.52
CA ALA A 27 14.57 -23.74 -2.81
C ALA A 27 13.92 -24.26 -1.53
N LEU A 28 13.23 -23.38 -0.80
CA LEU A 28 12.54 -23.82 0.42
C LEU A 28 11.38 -24.75 0.09
N ALA A 29 10.66 -24.46 -1.00
CA ALA A 29 9.51 -25.28 -1.37
C ALA A 29 9.94 -26.70 -1.70
N GLN A 30 11.10 -26.86 -2.33
CA GLN A 30 11.58 -28.19 -2.70
C GLN A 30 12.21 -28.93 -1.54
N GLY A 31 12.57 -28.24 -0.46
CA GLY A 31 13.17 -28.89 0.69
C GLY A 31 14.19 -28.04 1.42
N GLY B 2 2.10 11.94 -19.51
CA GLY B 2 1.99 11.01 -20.62
C GLY B 2 2.54 9.61 -20.37
N LYS B 3 3.62 9.28 -21.09
CA LYS B 3 4.18 7.93 -21.05
C LYS B 3 4.74 7.60 -19.68
N LEU B 4 5.47 8.53 -19.07
N LEU B 4 5.46 8.55 -19.07
CA LEU B 4 6.04 8.27 -17.76
CA LEU B 4 6.04 8.29 -17.76
C LEU B 4 4.94 7.99 -16.74
C LEU B 4 4.98 8.07 -16.69
N GLU B 5 3.83 8.74 -16.82
CA GLU B 5 2.73 8.50 -15.89
C GLU B 5 2.12 7.13 -16.11
N ALA B 6 1.94 6.73 -17.36
CA ALA B 6 1.41 5.40 -17.67
C ALA B 6 2.33 4.30 -17.14
N LEU B 7 3.64 4.49 -17.28
CA LEU B 7 4.59 3.52 -16.76
C LEU B 7 4.56 3.51 -15.23
N ALA B 8 4.44 4.68 -14.60
CA ALA B 8 4.39 4.71 -13.14
C ALA B 8 3.17 3.96 -12.61
N GLN B 9 2.04 4.10 -13.29
N GLN B 9 2.03 4.08 -13.30
CA GLN B 9 0.82 3.39 -12.87
CA GLN B 9 0.84 3.35 -12.85
C GLN B 9 1.04 1.88 -12.93
C GLN B 9 1.01 1.84 -13.01
N LYS B 10 1.62 1.39 -14.02
N LYS B 10 1.68 1.41 -14.07
CA LYS B 10 1.88 -0.04 -14.16
CA LYS B 10 1.97 -0.01 -14.25
C LYS B 10 2.83 -0.52 -13.06
C LYS B 10 2.85 -0.52 -13.13
N LEU B 11 3.84 0.29 -12.72
CA LEU B 11 4.73 -0.10 -11.63
C LEU B 11 3.98 -0.15 -10.32
N GLU B 12 3.09 0.82 -10.07
CA GLU B 12 2.33 0.79 -8.81
C GLU B 12 1.45 -0.45 -8.76
N ALA B 13 0.83 -0.81 -9.88
CA ALA B 13 -0.02 -2.00 -9.93
C ALA B 13 0.79 -3.27 -9.65
N LEU B 14 1.97 -3.37 -10.25
CA LEU B 14 2.86 -4.50 -9.96
C LEU B 14 3.27 -4.54 -8.48
N ALA B 15 3.54 -3.38 -7.87
CA ALA B 15 3.91 -3.38 -6.45
C ALA B 15 2.77 -3.90 -5.61
N LYS B 16 1.54 -3.51 -5.95
CA LYS B 16 0.39 -3.97 -5.16
C LYS B 16 0.18 -5.47 -5.31
N LYS B 17 0.41 -6.00 -6.51
CA LYS B 17 0.35 -7.44 -6.69
C LYS B 17 1.41 -8.14 -5.87
N LEU B 18 2.61 -7.56 -5.79
CA LEU B 18 3.66 -8.12 -4.94
C LEU B 18 3.23 -8.11 -3.47
N GLU B 19 2.56 -7.05 -3.02
CA GLU B 19 2.08 -7.02 -1.64
C GLU B 19 1.09 -8.14 -1.39
N ALA B 20 0.21 -8.41 -2.36
CA ALA B 20 -0.73 -9.50 -2.17
C ALA B 20 -0.02 -10.84 -2.04
N LEU B 21 1.07 -11.01 -2.81
CA LEU B 21 1.87 -12.23 -2.73
C LEU B 21 2.63 -12.34 -1.42
N ALA B 22 3.15 -11.21 -0.92
CA ALA B 22 3.80 -11.21 0.40
C ALA B 22 2.82 -11.61 1.48
N TRP B 23 1.60 -11.09 1.39
CA TRP B 23 0.55 -11.48 2.33
C TRP B 23 0.27 -12.96 2.25
N LYS B 24 0.22 -13.50 1.04
CA LYS B 24 -0.07 -14.92 0.91
C LYS B 24 1.06 -15.77 1.47
N LEU B 25 2.30 -15.34 1.30
CA LEU B 25 3.41 -16.09 1.87
C LEU B 25 3.36 -16.07 3.39
N GLU B 26 3.07 -14.91 3.97
CA GLU B 26 2.94 -14.83 5.43
C GLU B 26 1.81 -15.71 5.92
N ALA B 27 0.68 -15.72 5.18
CA ALA B 27 -0.46 -16.57 5.56
C ALA B 27 -0.09 -18.04 5.51
N LEU B 28 0.64 -18.46 4.47
CA LEU B 28 1.07 -19.85 4.39
C LEU B 28 2.03 -20.19 5.52
N ALA B 29 2.91 -19.26 5.87
CA ALA B 29 3.90 -19.49 6.93
C ALA B 29 3.24 -19.68 8.28
N GLN B 30 2.20 -18.89 8.56
CA GLN B 30 1.53 -18.97 9.86
C GLN B 30 0.58 -20.15 9.99
N GLY B 31 0.27 -20.84 8.90
CA GLY B 31 -0.63 -21.98 8.98
C GLY B 31 -0.22 -23.16 8.14
N GLY C 2 11.55 -19.11 11.40
CA GLY C 2 10.73 -18.17 10.64
C GLY C 2 11.25 -17.86 9.24
N LYS C 3 11.67 -18.91 8.51
CA LYS C 3 12.30 -18.69 7.20
C LYS C 3 11.31 -18.08 6.20
N LEU C 4 10.10 -18.62 6.13
CA LEU C 4 9.10 -18.09 5.21
C LEU C 4 8.62 -16.70 5.63
N GLU C 5 8.45 -16.48 6.94
CA GLU C 5 8.02 -15.17 7.43
C GLU C 5 9.08 -14.12 7.11
N ALA C 6 10.35 -14.48 7.23
CA ALA C 6 11.42 -13.55 6.88
C ALA C 6 11.38 -13.19 5.41
N LEU C 7 11.14 -14.17 4.54
CA LEU C 7 11.06 -13.90 3.11
C LEU C 7 9.87 -13.02 2.81
N ALA C 8 8.73 -13.31 3.45
CA ALA C 8 7.54 -12.50 3.23
C ALA C 8 7.80 -11.06 3.64
N GLN C 9 8.53 -10.85 4.74
CA GLN C 9 8.86 -9.49 5.16
C GLN C 9 9.76 -8.82 4.13
N LYS C 10 10.71 -9.55 3.57
CA LYS C 10 11.56 -8.96 2.54
C LYS C 10 10.75 -8.62 1.29
N LEU C 11 9.79 -9.46 0.92
CA LEU C 11 8.94 -9.18 -0.23
C LEU C 11 8.11 -7.92 -0.02
N GLU C 12 7.56 -7.75 1.18
CA GLU C 12 6.77 -6.55 1.52
C GLU C 12 7.65 -5.30 1.46
N ALA C 13 8.88 -5.39 1.97
CA ALA C 13 9.79 -4.25 1.92
C ALA C 13 10.13 -3.88 0.48
N LEU C 14 10.33 -4.91 -0.36
CA LEU C 14 10.62 -4.67 -1.79
C LEU C 14 9.44 -3.99 -2.45
N ALA C 15 8.22 -4.42 -2.14
CA ALA C 15 7.05 -3.79 -2.72
C ALA C 15 6.96 -2.33 -2.31
N LYS C 16 7.29 -2.02 -1.06
CA LYS C 16 7.25 -0.63 -0.62
C LYS C 16 8.30 0.21 -1.34
N LYS C 17 9.46 -0.37 -1.65
CA LYS C 17 10.47 0.35 -2.41
C LYS C 17 9.99 0.61 -3.84
N LEU C 18 9.31 -0.38 -4.43
CA LEU C 18 8.74 -0.20 -5.76
C LEU C 18 7.71 0.92 -5.76
N GLU C 19 6.90 0.98 -4.71
CA GLU C 19 5.89 2.01 -4.62
C GLU C 19 6.51 3.39 -4.48
N ALA C 20 7.60 3.50 -3.74
CA ALA C 20 8.30 4.79 -3.67
C ALA C 20 8.87 5.16 -5.04
N LEU C 21 9.36 4.17 -5.80
CA LEU C 21 9.88 4.47 -7.14
C LEU C 21 8.76 4.91 -8.06
N ALA C 22 7.59 4.27 -7.97
CA ALA C 22 6.46 4.67 -8.81
C ALA C 22 6.05 6.10 -8.50
N TRP C 23 6.06 6.46 -7.20
CA TRP C 23 5.75 7.82 -6.79
C TRP C 23 6.75 8.81 -7.39
N LYS C 24 8.04 8.47 -7.36
CA LYS C 24 9.06 9.35 -7.91
C LYS C 24 8.94 9.47 -9.42
N LEU C 25 8.56 8.39 -10.10
CA LEU C 25 8.36 8.48 -11.54
CA LEU C 25 8.37 8.48 -11.54
C LEU C 25 7.19 9.40 -11.88
N GLU C 26 6.10 9.27 -11.12
CA GLU C 26 4.95 10.13 -11.32
C GLU C 26 5.31 11.58 -11.05
N ALA C 27 6.11 11.84 -10.00
CA ALA C 27 6.54 13.20 -9.72
C ALA C 27 7.37 13.76 -10.87
N LEU C 28 8.23 12.93 -11.46
CA LEU C 28 8.98 13.39 -12.63
C LEU C 28 8.05 13.65 -13.80
N ALA C 29 7.02 12.82 -13.97
CA ALA C 29 6.08 13.01 -15.06
C ALA C 29 5.32 14.34 -14.93
N GLN C 30 4.95 14.71 -13.71
CA GLN C 30 4.20 15.93 -13.48
C GLN C 30 5.08 17.18 -13.55
N GLY C 31 6.39 17.02 -13.47
CA GLY C 31 7.30 18.15 -13.50
C GLY C 31 7.50 18.68 -14.90
N GLY D 2 4.27 -27.72 -4.26
CA GLY D 2 2.93 -27.27 -3.94
C GLY D 2 2.63 -25.78 -3.93
N LYS D 3 2.01 -25.32 -2.84
CA LYS D 3 1.57 -23.92 -2.76
C LYS D 3 2.74 -22.96 -2.76
N LEU D 4 3.85 -23.31 -2.10
CA LEU D 4 4.99 -22.40 -2.09
C LEU D 4 5.63 -22.28 -3.48
N GLU D 5 5.73 -23.40 -4.19
CA GLU D 5 6.27 -23.38 -5.55
C GLU D 5 5.40 -22.54 -6.47
N ALA D 6 4.08 -22.66 -6.33
CA ALA D 6 3.17 -21.84 -7.12
C ALA D 6 3.38 -20.36 -6.83
N LEU D 7 3.57 -20.02 -5.57
CA LEU D 7 3.82 -18.64 -5.18
C LEU D 7 5.15 -18.16 -5.75
N ALA D 8 6.17 -19.00 -5.71
CA ALA D 8 7.45 -18.59 -6.27
C ALA D 8 7.34 -18.31 -7.77
N GLN D 9 6.54 -19.10 -8.48
CA GLN D 9 6.38 -18.87 -9.91
C GLN D 9 5.65 -17.55 -10.18
N LYS D 10 4.68 -17.21 -9.33
CA LYS D 10 4.00 -15.92 -9.46
C LYS D 10 4.96 -14.75 -9.19
N LEU D 11 5.87 -14.93 -8.23
CA LEU D 11 6.87 -13.91 -7.96
C LEU D 11 7.79 -13.72 -9.16
N GLU D 12 8.21 -14.83 -9.76
CA GLU D 12 9.07 -14.76 -10.96
C GLU D 12 8.35 -14.06 -12.10
N ALA D 13 7.05 -14.31 -12.25
CA ALA D 13 6.29 -13.63 -13.31
C ALA D 13 6.28 -12.13 -13.08
N LEU D 14 6.08 -11.71 -11.82
N LEU D 14 6.07 -11.72 -11.82
CA LEU D 14 6.09 -10.29 -11.50
CA LEU D 14 6.10 -10.30 -11.47
C LEU D 14 7.47 -9.68 -11.76
C LEU D 14 7.46 -9.70 -11.77
N ALA D 15 8.53 -10.38 -11.36
CA ALA D 15 9.87 -9.86 -11.55
C ALA D 15 10.17 -9.66 -13.04
N LYS D 16 9.67 -10.56 -13.88
CA LYS D 16 9.84 -10.40 -15.32
C LYS D 16 9.14 -9.13 -15.81
N LYS D 17 7.92 -8.88 -15.32
CA LYS D 17 7.22 -7.68 -15.74
C LYS D 17 7.94 -6.43 -15.24
N LEU D 18 8.53 -6.47 -14.04
N LEU D 18 8.50 -6.49 -14.04
CA LEU D 18 9.28 -5.30 -13.58
CA LEU D 18 9.29 -5.39 -13.49
C LEU D 18 10.49 -5.04 -14.44
C LEU D 18 10.47 -5.07 -14.40
N GLU D 19 11.23 -6.11 -14.80
CA GLU D 19 12.40 -5.90 -15.65
C GLU D 19 12.00 -5.32 -17.01
N ALA D 20 10.85 -5.76 -17.54
CA ALA D 20 10.40 -5.21 -18.82
C ALA D 20 10.14 -3.71 -18.70
N LEU D 21 9.60 -3.29 -17.56
CA LEU D 21 9.37 -1.86 -17.33
C LEU D 21 10.68 -1.11 -17.21
N ALA D 22 11.70 -1.74 -16.61
CA ALA D 22 13.01 -1.10 -16.49
C ALA D 22 13.64 -0.86 -17.86
N TRP D 23 13.56 -1.85 -18.75
CA TRP D 23 14.07 -1.64 -20.10
C TRP D 23 13.31 -0.52 -20.80
N LYS D 24 12.00 -0.44 -20.57
N LYS D 24 11.98 -0.47 -20.61
CA LYS D 24 11.20 0.60 -21.21
CA LYS D 24 11.19 0.59 -21.22
C LYS D 24 11.53 1.98 -20.65
C LYS D 24 11.57 1.96 -20.66
N LEU D 25 11.71 2.09 -19.33
N LEU D 25 11.71 2.05 -19.34
CA LEU D 25 12.09 3.38 -18.75
CA LEU D 25 12.09 3.31 -18.71
C LEU D 25 13.48 3.80 -19.22
C LEU D 25 13.46 3.77 -19.19
N GLU D 26 14.40 2.83 -19.31
CA GLU D 26 15.74 3.15 -19.77
C GLU D 26 15.72 3.64 -21.21
N ALA D 27 14.87 3.04 -22.06
CA ALA D 27 14.77 3.51 -23.44
C ALA D 27 14.25 4.94 -23.49
N LEU D 28 13.28 5.27 -22.65
CA LEU D 28 12.78 6.64 -22.57
C LEU D 28 13.89 7.57 -22.10
N ALA D 29 14.69 7.12 -21.14
CA ALA D 29 15.80 7.93 -20.67
C ALA D 29 16.83 8.15 -21.77
N GLN D 30 17.09 7.12 -22.58
CA GLN D 30 18.10 7.27 -23.62
C GLN D 30 17.57 8.05 -24.81
N GLY D 31 16.26 8.11 -24.99
CA GLY D 31 15.66 8.84 -26.08
C GLY D 31 15.46 10.30 -25.74
N GLY E 2 -14.35 9.72 -20.34
CA GLY E 2 -13.01 9.18 -20.53
C GLY E 2 -12.39 8.29 -19.47
N LYS E 3 -11.20 8.71 -19.01
CA LYS E 3 -10.40 7.91 -18.07
C LYS E 3 -11.07 7.77 -16.71
N LEU E 4 -11.67 8.84 -16.20
CA LEU E 4 -12.30 8.72 -14.88
C LEU E 4 -13.52 7.82 -14.93
N GLU E 5 -14.26 7.84 -16.05
CA GLU E 5 -15.37 6.90 -16.22
C GLU E 5 -14.88 5.47 -16.27
N ALA E 6 -13.76 5.23 -16.95
CA ALA E 6 -13.19 3.89 -16.99
C ALA E 6 -12.82 3.41 -15.60
N LEU E 7 -12.24 4.29 -14.78
CA LEU E 7 -11.90 3.93 -13.40
C LEU E 7 -13.16 3.66 -12.59
N ALA E 8 -14.19 4.48 -12.77
CA ALA E 8 -15.42 4.27 -12.01
C ALA E 8 -16.03 2.93 -12.34
N GLN E 9 -15.98 2.53 -13.62
CA GLN E 9 -16.49 1.20 -13.97
C GLN E 9 -15.67 0.10 -13.31
N LYS E 10 -14.36 0.27 -13.22
CA LYS E 10 -13.54 -0.75 -12.56
C LYS E 10 -13.85 -0.81 -11.07
N LEU E 11 -14.14 0.34 -10.45
CA LEU E 11 -14.50 0.34 -9.04
C LEU E 11 -15.83 -0.36 -8.81
N GLU E 12 -16.80 -0.11 -9.70
CA GLU E 12 -18.09 -0.79 -9.59
C GLU E 12 -17.94 -2.29 -9.75
N ALA E 13 -17.09 -2.72 -10.68
CA ALA E 13 -16.87 -4.15 -10.88
C ALA E 13 -16.21 -4.76 -9.64
N LEU E 14 -15.25 -4.05 -9.04
CA LEU E 14 -14.60 -4.57 -7.84
C LEU E 14 -15.60 -4.67 -6.71
N ALA E 15 -16.50 -3.70 -6.58
CA ALA E 15 -17.45 -3.78 -5.48
C ALA E 15 -18.38 -4.97 -5.68
N LYS E 16 -18.78 -5.24 -6.93
CA LYS E 16 -19.64 -6.39 -7.19
C LYS E 16 -18.92 -7.70 -6.91
N LYS E 17 -17.61 -7.77 -7.16
CA LYS E 17 -16.86 -8.97 -6.78
C LYS E 17 -16.82 -9.11 -5.25
N LEU E 18 -16.65 -8.00 -4.54
CA LEU E 18 -16.69 -8.04 -3.08
C LEU E 18 -18.04 -8.53 -2.57
N GLU E 19 -19.12 -8.10 -3.23
CA GLU E 19 -20.45 -8.54 -2.80
C GLU E 19 -20.63 -10.04 -2.98
N ALA E 20 -20.15 -10.58 -4.08
CA ALA E 20 -20.21 -12.02 -4.29
C ALA E 20 -19.39 -12.75 -3.22
N LEU E 21 -18.25 -12.18 -2.84
CA LEU E 21 -17.44 -12.81 -1.80
C LEU E 21 -18.14 -12.75 -0.44
N ALA E 22 -18.79 -11.64 -0.11
CA ALA E 22 -19.53 -11.58 1.15
C ALA E 22 -20.65 -12.61 1.17
N TRP E 23 -21.32 -12.76 0.04
CA TRP E 23 -22.39 -13.75 -0.07
C TRP E 23 -21.85 -15.16 0.14
N LYS E 24 -20.72 -15.49 -0.50
CA LYS E 24 -20.07 -16.78 -0.29
C LYS E 24 -19.68 -16.99 1.17
N LEU E 25 -19.18 -15.94 1.84
CA LEU E 25 -18.77 -16.08 3.23
C LEU E 25 -19.97 -16.31 4.13
N GLU E 26 -21.08 -15.61 3.85
CA GLU E 26 -22.29 -15.81 4.62
C GLU E 26 -22.81 -17.23 4.44
N ALA E 27 -22.74 -17.75 3.22
CA ALA E 27 -23.17 -19.13 2.96
C ALA E 27 -22.32 -20.14 3.73
N LEU E 28 -20.99 -19.93 3.74
CA LEU E 28 -20.13 -20.83 4.51
C LEU E 28 -20.41 -20.71 5.99
N ALA E 29 -20.72 -19.50 6.47
CA ALA E 29 -20.98 -19.32 7.89
C ALA E 29 -22.18 -20.15 8.32
N GLN E 30 -23.21 -20.22 7.48
CA GLN E 30 -24.41 -20.98 7.75
C GLN E 30 -24.25 -22.46 7.43
N GLY E 31 -23.21 -22.84 6.71
CA GLY E 31 -22.95 -24.24 6.38
C GLY E 31 -23.92 -24.83 5.37
N GLY F 2 -8.50 18.54 -4.89
CA GLY F 2 -9.93 18.84 -5.01
C GLY F 2 -10.79 17.63 -4.71
N LYS F 3 -11.92 17.52 -5.40
CA LYS F 3 -12.86 16.44 -5.12
C LYS F 3 -12.28 15.07 -5.43
N LEU F 4 -11.49 14.97 -6.50
CA LEU F 4 -10.97 13.67 -6.91
C LEU F 4 -9.98 13.13 -5.89
N GLU F 5 -9.14 14.01 -5.34
CA GLU F 5 -8.18 13.58 -4.32
C GLU F 5 -8.90 13.15 -3.05
N ALA F 6 -9.96 13.85 -2.67
CA ALA F 6 -10.74 13.45 -1.50
C ALA F 6 -11.37 12.07 -1.72
N LEU F 7 -11.86 11.80 -2.93
CA LEU F 7 -12.43 10.50 -3.23
C LEU F 7 -11.37 9.40 -3.19
N ALA F 8 -10.18 9.69 -3.72
CA ALA F 8 -9.10 8.70 -3.70
C ALA F 8 -8.72 8.33 -2.27
N GLN F 9 -8.78 9.29 -1.35
CA GLN F 9 -8.43 8.98 0.02
C GLN F 9 -9.54 8.20 0.72
N LYS F 10 -10.80 8.42 0.35
CA LYS F 10 -11.86 7.55 0.87
C LYS F 10 -11.72 6.13 0.33
N LEU F 11 -11.29 5.99 -0.93
N LEU F 11 -11.27 5.99 -0.92
CA LEU F 11 -11.06 4.66 -1.47
CA LEU F 11 -11.06 4.66 -1.48
C LEU F 11 -9.96 3.96 -0.69
C LEU F 11 -9.93 3.94 -0.77
N GLU F 12 -8.85 4.66 -0.45
CA GLU F 12 -7.72 4.08 0.27
C GLU F 12 -8.14 3.62 1.66
N ALA F 13 -8.97 4.40 2.34
CA ALA F 13 -9.46 3.99 3.66
C ALA F 13 -10.30 2.72 3.57
N LEU F 14 -11.18 2.63 2.57
CA LEU F 14 -11.98 1.43 2.39
C LEU F 14 -11.09 0.23 2.12
N ALA F 15 -10.04 0.41 1.31
CA ALA F 15 -9.14 -0.69 1.00
C ALA F 15 -8.45 -1.18 2.27
N LYS F 16 -8.09 -0.27 3.17
N LYS F 16 -8.08 -0.27 3.15
CA LYS F 16 -7.40 -0.68 4.39
CA LYS F 16 -7.43 -0.69 4.38
C LYS F 16 -8.35 -1.32 5.41
C LYS F 16 -8.38 -1.49 5.25
N LYS F 17 -9.65 -1.07 5.31
CA LYS F 17 -10.63 -1.84 6.09
C LYS F 17 -10.82 -3.22 5.48
N LEU F 18 -10.78 -3.31 4.15
N LEU F 18 -10.77 -3.32 4.15
CA LEU F 18 -10.85 -4.60 3.47
CA LEU F 18 -10.87 -4.64 3.52
C LEU F 18 -9.70 -5.50 3.88
C LEU F 18 -9.69 -5.52 3.88
N GLU F 19 -8.48 -4.94 3.88
CA GLU F 19 -7.31 -5.74 4.20
C GLU F 19 -7.38 -6.22 5.63
N ALA F 20 -7.90 -5.38 6.54
CA ALA F 20 -8.06 -5.82 7.91
C ALA F 20 -9.00 -7.01 8.00
N LEU F 21 -10.05 -7.02 7.18
CA LEU F 21 -10.96 -8.17 7.19
C LEU F 21 -10.27 -9.40 6.63
N ALA F 22 -9.41 -9.24 5.62
CA ALA F 22 -8.70 -10.39 5.06
C ALA F 22 -7.80 -11.05 6.08
N TRP F 23 -7.08 -10.25 6.87
CA TRP F 23 -6.25 -10.84 7.93
C TRP F 23 -7.13 -11.58 8.93
N LYS F 24 -8.28 -11.00 9.26
CA LYS F 24 -9.14 -11.65 10.25
C LYS F 24 -9.75 -12.93 9.72
N LEU F 25 -10.13 -12.95 8.43
CA LEU F 25 -10.67 -14.19 7.88
C LEU F 25 -9.60 -15.27 7.79
N GLU F 26 -8.39 -14.88 7.41
CA GLU F 26 -7.28 -15.83 7.35
C GLU F 26 -7.01 -16.45 8.71
N ALA F 27 -7.11 -15.65 9.78
CA ALA F 27 -6.93 -16.20 11.12
C ALA F 27 -8.01 -17.23 11.44
N LEU F 28 -9.26 -16.95 11.02
CA LEU F 28 -10.32 -17.93 11.22
C LEU F 28 -10.05 -19.19 10.39
N ALA F 29 -9.54 -19.02 9.16
CA ALA F 29 -9.26 -20.18 8.32
C ALA F 29 -8.20 -21.06 8.94
N GLN F 30 -7.23 -20.46 9.61
CA GLN F 30 -6.16 -21.24 10.19
C GLN F 30 -6.61 -21.96 11.45
N GLY F 31 -7.73 -21.55 12.03
CA GLY F 31 -8.24 -22.20 13.24
C GLY F 31 -9.00 -23.48 12.97
N GLY G 2 -8.10 -24.37 2.77
CA GLY G 2 -9.52 -24.61 2.78
C GLY G 2 -10.25 -23.50 2.05
N LYS G 3 -11.58 -23.58 2.00
CA LYS G 3 -12.35 -22.57 1.26
C LYS G 3 -12.23 -21.19 1.91
N LEU G 4 -12.13 -21.12 3.23
CA LEU G 4 -12.00 -19.81 3.87
C LEU G 4 -10.66 -19.18 3.56
N GLU G 5 -9.59 -19.98 3.51
CA GLU G 5 -8.28 -19.42 3.15
C GLU G 5 -8.30 -18.90 1.71
N ALA G 6 -8.95 -19.64 0.81
CA ALA G 6 -9.05 -19.18 -0.57
C ALA G 6 -9.82 -17.87 -0.65
N LEU G 7 -10.89 -17.75 0.14
CA LEU G 7 -11.68 -16.53 0.15
C LEU G 7 -10.89 -15.36 0.71
N ALA G 8 -10.13 -15.59 1.78
CA ALA G 8 -9.33 -14.53 2.38
C ALA G 8 -8.30 -14.01 1.40
N GLN G 9 -7.67 -14.92 0.64
CA GLN G 9 -6.69 -14.50 -0.37
C GLN G 9 -7.36 -13.65 -1.44
N LYS G 10 -8.59 -13.99 -1.83
CA LYS G 10 -9.28 -13.18 -2.83
C LYS G 10 -9.61 -11.80 -2.27
N LEU G 11 -9.96 -11.73 -1.00
N LEU G 11 -10.00 -11.73 -1.00
CA LEU G 11 -10.22 -10.43 -0.38
CA LEU G 11 -10.22 -10.43 -0.37
C LEU G 11 -8.95 -9.59 -0.33
C LEU G 11 -8.94 -9.61 -0.41
N GLU G 12 -7.82 -10.22 -0.01
CA GLU G 12 -6.56 -9.47 0.03
C GLU G 12 -6.20 -8.97 -1.36
N ALA G 13 -6.39 -9.82 -2.36
CA ALA G 13 -6.08 -9.40 -3.73
C ALA G 13 -6.95 -8.23 -4.16
N LEU G 14 -8.22 -8.27 -3.80
CA LEU G 14 -9.14 -7.22 -4.19
C LEU G 14 -8.81 -5.91 -3.47
N ALA G 15 -8.42 -5.99 -2.20
CA ALA G 15 -8.03 -4.80 -1.47
C ALA G 15 -6.82 -4.14 -2.11
N LYS G 16 -5.85 -4.94 -2.54
CA LYS G 16 -4.66 -4.40 -3.17
C LYS G 16 -4.98 -3.80 -4.53
N LYS G 17 -5.93 -4.42 -5.25
CA LYS G 17 -6.38 -3.85 -6.52
C LYS G 17 -7.05 -2.50 -6.30
N LEU G 18 -7.84 -2.39 -5.22
N LEU G 18 -7.86 -2.40 -5.24
CA LEU G 18 -8.48 -1.12 -4.89
CA LEU G 18 -8.48 -1.12 -4.88
C LEU G 18 -7.45 -0.05 -4.56
C LEU G 18 -7.42 -0.07 -4.61
N GLU G 19 -6.37 -0.44 -3.87
CA GLU G 19 -5.29 0.51 -3.57
C GLU G 19 -4.64 1.00 -4.84
N ALA G 20 -4.42 0.10 -5.80
CA ALA G 20 -3.83 0.49 -7.07
C ALA G 20 -4.74 1.45 -7.81
N LEU G 21 -6.05 1.22 -7.73
CA LEU G 21 -6.99 2.13 -8.40
C LEU G 21 -7.01 3.50 -7.71
N ALA G 22 -6.95 3.50 -6.38
CA ALA G 22 -6.92 4.77 -5.64
C ALA G 22 -5.67 5.57 -6.00
N TRP G 23 -4.53 4.90 -6.15
CA TRP G 23 -3.33 5.58 -6.57
C TRP G 23 -3.49 6.19 -7.95
N LYS G 24 -4.11 5.46 -8.87
CA LYS G 24 -4.38 5.98 -10.21
C LYS G 24 -5.27 7.22 -10.14
N LEU G 25 -6.28 7.20 -9.28
CA LEU G 25 -7.14 8.37 -9.13
C LEU G 25 -6.36 9.53 -8.53
N GLU G 26 -5.48 9.24 -7.58
CA GLU G 26 -4.65 10.28 -7.00
C GLU G 26 -3.74 10.89 -8.05
N ALA G 27 -3.13 10.06 -8.90
CA ALA G 27 -2.28 10.57 -9.96
C ALA G 27 -3.08 11.43 -10.94
N LEU G 28 -4.30 10.98 -11.29
CA LEU G 28 -5.12 11.76 -12.20
C LEU G 28 -5.53 13.09 -11.58
N ALA G 29 -5.81 13.08 -10.27
CA ALA G 29 -6.23 14.30 -9.59
C ALA G 29 -5.12 15.34 -9.58
N GLN G 30 -3.88 14.90 -9.39
CA GLN G 30 -2.75 15.81 -9.33
C GLN G 30 -2.30 16.27 -10.71
N GLY G 31 -2.71 15.58 -11.77
CA GLY G 31 -2.35 15.95 -13.12
C GLY G 31 -3.39 16.87 -13.73
N GLY H 2 -21.80 -16.98 13.79
CA GLY H 2 -20.92 -16.23 14.67
C GLY H 2 -19.95 -15.27 14.00
N LYS H 3 -18.66 -15.51 14.23
CA LYS H 3 -17.62 -14.57 13.77
C LYS H 3 -17.56 -14.48 12.25
N LEU H 4 -17.81 -15.58 11.54
N LEU H 4 -17.83 -15.58 11.55
CA LEU H 4 -17.79 -15.49 10.08
CA LEU H 4 -17.81 -15.55 10.09
C LEU H 4 -18.95 -14.64 9.56
C LEU H 4 -18.95 -14.71 9.54
N GLU H 5 -20.13 -14.78 10.17
CA GLU H 5 -21.27 -13.99 9.74
C GLU H 5 -21.01 -12.51 9.97
N ALA H 6 -20.38 -12.17 11.09
CA ALA H 6 -20.05 -10.77 11.35
C ALA H 6 -19.07 -10.22 10.31
N LEU H 7 -18.08 -11.03 9.92
CA LEU H 7 -17.14 -10.57 8.90
C LEU H 7 -17.84 -10.39 7.57
N ALA H 8 -18.75 -11.31 7.22
CA ALA H 8 -19.47 -11.20 5.95
C ALA H 8 -20.30 -9.92 5.90
N GLN H 9 -20.92 -9.57 7.04
CA GLN H 9 -21.72 -8.36 7.09
C GLN H 9 -20.85 -7.11 6.95
N LYS H 10 -19.67 -7.11 7.58
CA LYS H 10 -18.77 -5.98 7.41
C LYS H 10 -18.30 -5.88 5.97
N LEU H 11 -18.09 -7.03 5.30
CA LEU H 11 -17.66 -7.00 3.91
C LEU H 11 -18.75 -6.45 3.01
N GLU H 12 -19.99 -6.90 3.20
CA GLU H 12 -21.11 -6.36 2.41
C GLU H 12 -21.26 -4.86 2.59
N ALA H 13 -21.12 -4.37 3.83
CA ALA H 13 -21.21 -2.93 4.10
C ALA H 13 -20.12 -2.17 3.38
N LEU H 14 -18.87 -2.67 3.41
CA LEU H 14 -17.78 -2.03 2.68
C LEU H 14 -18.03 -2.03 1.18
N ALA H 15 -18.55 -3.13 0.65
CA ALA H 15 -18.82 -3.18 -0.79
C ALA H 15 -19.83 -2.12 -1.18
N LYS H 16 -20.85 -1.92 -0.36
CA LYS H 16 -21.89 -0.93 -0.65
C LYS H 16 -21.34 0.48 -0.58
N LYS H 17 -20.45 0.75 0.39
CA LYS H 17 -19.74 2.03 0.40
C LYS H 17 -18.89 2.21 -0.87
N LEU H 18 -18.23 1.15 -1.34
CA LEU H 18 -17.45 1.25 -2.57
C LEU H 18 -18.34 1.57 -3.76
N GLU H 19 -19.53 0.96 -3.81
CA GLU H 19 -20.47 1.26 -4.88
C GLU H 19 -20.88 2.72 -4.86
N ALA H 20 -21.10 3.28 -3.68
CA ALA H 20 -21.44 4.70 -3.58
C ALA H 20 -20.30 5.57 -4.09
N LEU H 21 -19.05 5.18 -3.81
CA LEU H 21 -17.91 5.94 -4.31
C LEU H 21 -17.76 5.81 -5.82
N ALA H 22 -18.04 4.62 -6.38
CA ALA H 22 -17.98 4.48 -7.83
C ALA H 22 -19.00 5.40 -8.49
N TRP H 23 -20.18 5.48 -7.90
CA TRP H 23 -21.22 6.37 -8.37
C TRP H 23 -20.77 7.82 -8.34
N LYS H 24 -20.17 8.24 -7.22
CA LYS H 24 -19.63 9.59 -7.11
C LYS H 24 -18.56 9.86 -8.16
N LEU H 25 -17.68 8.89 -8.42
CA LEU H 25 -16.63 9.13 -9.42
C LEU H 25 -17.22 9.23 -10.83
N GLU H 26 -18.21 8.38 -11.12
CA GLU H 26 -18.92 8.50 -12.40
C GLU H 26 -19.62 9.84 -12.51
N ALA H 27 -20.21 10.31 -11.41
CA ALA H 27 -20.84 11.62 -11.42
C ALA H 27 -19.81 12.72 -11.69
N LEU H 28 -18.64 12.63 -11.07
CA LEU H 28 -17.59 13.62 -11.31
C LEU H 28 -17.07 13.55 -12.74
N ALA H 29 -16.93 12.34 -13.27
CA ALA H 29 -16.40 12.17 -14.61
C ALA H 29 -17.28 12.85 -15.66
N GLN H 30 -18.60 12.82 -15.46
CA GLN H 30 -19.53 13.41 -16.41
C GLN H 30 -19.66 14.91 -16.26
N GLY H 31 -19.23 15.48 -15.14
CA GLY H 31 -19.31 16.91 -14.91
C GLY H 31 -19.74 17.26 -13.49
N GLY I 2 -6.08 -8.72 18.73
CA GLY I 2 -5.71 -8.02 19.94
C GLY I 2 -5.39 -6.55 19.73
N LYS I 3 -4.96 -5.89 20.82
CA LYS I 3 -4.68 -4.47 20.72
C LYS I 3 -3.49 -4.19 19.82
N LEU I 4 -2.59 -5.16 19.65
CA LEU I 4 -1.50 -4.99 18.71
C LEU I 4 -2.02 -4.76 17.29
N GLU I 5 -3.04 -5.54 16.89
CA GLU I 5 -3.64 -5.38 15.57
C GLU I 5 -4.34 -4.03 15.44
N ALA I 6 -5.00 -3.59 16.52
CA ALA I 6 -5.63 -2.27 16.51
C ALA I 6 -4.58 -1.17 16.33
N LEU I 7 -3.43 -1.33 16.98
CA LEU I 7 -2.36 -0.34 16.82
C LEU I 7 -1.82 -0.34 15.40
N ALA I 8 -1.66 -1.53 14.81
CA ALA I 8 -1.14 -1.61 13.44
C ALA I 8 -2.08 -0.93 12.46
N GLN I 9 -3.40 -1.08 12.67
CA GLN I 9 -4.36 -0.42 11.79
CA GLN I 9 -4.36 -0.42 11.79
C GLN I 9 -4.30 1.09 11.91
N LYS I 10 -4.15 1.60 13.15
CA LYS I 10 -3.99 3.03 13.34
C LYS I 10 -2.72 3.53 12.67
N LEU I 11 -1.66 2.72 12.67
CA LEU I 11 -0.40 3.17 12.09
C LEU I 11 -0.50 3.26 10.58
N GLU I 12 -1.06 2.25 9.94
CA GLU I 12 -1.17 2.35 8.49
C GLU I 12 -2.15 3.45 8.09
N ALA I 13 -3.16 3.76 8.92
CA ALA I 13 -4.01 4.91 8.62
C ALA I 13 -3.20 6.21 8.66
N LEU I 14 -2.30 6.35 9.63
CA LEU I 14 -1.41 7.52 9.66
C LEU I 14 -0.48 7.52 8.45
N ALA I 15 -0.01 6.34 8.03
CA ALA I 15 0.88 6.30 6.87
C ALA I 15 0.16 6.78 5.62
N LYS I 16 -1.10 6.41 5.47
CA LYS I 16 -1.85 6.84 4.30
C LYS I 16 -2.07 8.35 4.32
N LYS I 17 -2.32 8.92 5.50
CA LYS I 17 -2.43 10.37 5.63
C LYS I 17 -1.11 11.05 5.29
N LEU I 18 0.02 10.44 5.67
CA LEU I 18 1.31 11.04 5.36
C LEU I 18 1.57 11.01 3.86
N GLU I 19 1.23 9.90 3.20
CA GLU I 19 1.39 9.83 1.74
C GLU I 19 0.57 10.90 1.05
N ALA I 20 -0.66 11.14 1.55
CA ALA I 20 -1.49 12.18 0.95
C ALA I 20 -0.82 13.55 1.07
N LEU I 21 -0.16 13.80 2.20
CA LEU I 21 0.55 15.06 2.38
C LEU I 21 1.74 15.15 1.42
N ALA I 22 2.43 14.03 1.18
CA ALA I 22 3.54 14.04 0.22
C ALA I 22 3.06 14.41 -1.18
N TRP I 23 1.90 13.87 -1.60
CA TRP I 23 1.35 14.26 -2.89
C TRP I 23 1.01 15.74 -2.91
N LYS I 24 0.39 16.22 -1.84
CA LYS I 24 -0.02 17.62 -1.78
C LYS I 24 1.19 18.54 -1.81
N LEU I 25 2.26 18.16 -1.12
CA LEU I 25 3.47 18.99 -1.11
C LEU I 25 4.14 18.98 -2.49
N GLU I 26 4.19 17.81 -3.12
CA GLU I 26 4.71 17.75 -4.48
C GLU I 26 3.88 18.63 -5.41
N ALA I 27 2.57 18.65 -5.23
CA ALA I 27 1.73 19.51 -6.07
C ALA I 27 2.05 20.99 -5.90
N LEU I 28 2.25 21.41 -4.65
CA LEU I 28 2.62 22.81 -4.39
C LEU I 28 3.98 23.16 -4.99
N ALA I 29 4.94 22.22 -4.93
CA ALA I 29 6.24 22.48 -5.52
C ALA I 29 6.14 22.67 -7.03
N GLN I 30 5.25 21.91 -7.68
CA GLN I 30 5.11 22.01 -9.13
C GLN I 30 4.28 23.21 -9.56
N GLY I 31 3.52 23.81 -8.64
CA GLY I 31 2.72 24.98 -8.97
C GLY I 31 3.45 26.25 -8.57
N GLY J 2 12.71 -6.90 23.46
CA GLY J 2 11.95 -7.75 22.57
C GLY J 2 11.71 -7.12 21.21
N LYS J 3 10.99 -7.85 20.35
CA LYS J 3 10.75 -7.37 19.00
C LYS J 3 9.90 -6.11 19.02
N LEU J 4 8.81 -6.14 19.80
CA LEU J 4 7.91 -5.00 19.88
C LEU J 4 8.64 -3.76 20.38
N GLU J 5 9.55 -3.91 21.35
CA GLU J 5 10.26 -2.75 21.88
C GLU J 5 11.14 -2.12 20.81
N ALA J 6 11.81 -2.93 19.99
CA ALA J 6 12.60 -2.40 18.90
C ALA J 6 11.72 -1.69 17.88
N LEU J 7 10.54 -2.25 17.60
CA LEU J 7 9.61 -1.63 16.66
C LEU J 7 9.09 -0.30 17.20
N ALA J 8 8.79 -0.24 18.49
CA ALA J 8 8.33 1.00 19.08
C ALA J 8 9.40 2.07 19.01
N GLN J 9 10.66 1.72 19.28
CA GLN J 9 11.73 2.71 19.15
C GLN J 9 11.83 3.22 17.72
N LYS J 10 11.67 2.31 16.75
CA LYS J 10 11.72 2.73 15.35
C LYS J 10 10.59 3.69 15.03
N LEU J 11 9.41 3.46 15.60
CA LEU J 11 8.30 4.38 15.41
CA LEU J 11 8.30 4.38 15.41
C LEU J 11 8.60 5.74 16.01
N GLU J 12 9.15 5.77 17.21
CA GLU J 12 9.46 7.04 17.85
C GLU J 12 10.51 7.80 17.06
N ALA J 13 11.52 7.09 16.56
CA ALA J 13 12.55 7.77 15.77
C ALA J 13 11.95 8.35 14.51
N LEU J 14 11.02 7.63 13.87
CA LEU J 14 10.39 8.13 12.66
C LEU J 14 9.51 9.35 12.96
N ALA J 15 8.81 9.33 14.10
CA ALA J 15 8.01 10.48 14.52
C ALA J 15 8.88 11.72 14.67
N LYS J 16 10.05 11.58 15.29
CA LYS J 16 10.96 12.70 15.47
C LYS J 16 11.49 13.19 14.13
N LYS J 17 11.79 12.27 13.22
CA LYS J 17 12.21 12.67 11.88
C LYS J 17 11.13 13.49 11.19
N LEU J 18 9.87 13.06 11.35
CA LEU J 18 8.76 13.77 10.70
C LEU J 18 8.61 15.16 11.29
N GLU J 19 8.82 15.31 12.61
CA GLU J 19 8.75 16.62 13.24
C GLU J 19 9.84 17.54 12.70
N ALA J 20 11.05 17.00 12.50
CA ALA J 20 12.11 17.83 11.95
C ALA J 20 11.79 18.28 10.54
N LEU J 21 11.16 17.40 9.76
CA LEU J 21 10.77 17.76 8.40
C LEU J 21 9.68 18.83 8.40
N ALA J 22 8.73 18.71 9.33
CA ALA J 22 7.69 19.72 9.47
C ALA J 22 8.28 21.07 9.85
N TRP J 23 9.29 21.06 10.73
CA TRP J 23 9.98 22.29 11.10
C TRP J 23 10.61 22.94 9.88
N LYS J 24 11.28 22.15 9.06
CA LYS J 24 11.88 22.65 7.83
C LYS J 24 10.84 23.24 6.90
N LEU J 25 9.68 22.58 6.78
CA LEU J 25 8.61 23.12 5.94
C LEU J 25 8.07 24.42 6.50
N GLU J 26 7.92 24.46 7.82
CA GLU J 26 7.51 25.68 8.50
C GLU J 26 8.50 26.81 8.26
N ALA J 27 9.79 26.50 8.35
CA ALA J 27 10.82 27.51 8.08
C ALA J 27 10.76 27.98 6.64
N LEU J 28 10.57 27.05 5.70
CA LEU J 28 10.47 27.44 4.29
C LEU J 28 9.25 28.30 4.03
N ALA J 29 8.11 27.98 4.67
CA ALA J 29 6.91 28.77 4.50
C ALA J 29 7.07 30.18 5.03
N GLN J 30 7.85 30.35 6.10
CA GLN J 30 8.04 31.63 6.77
C GLN J 30 8.92 32.58 5.98
N GLY J 31 9.68 32.10 5.00
CA GLY J 31 10.52 32.96 4.19
C GLY J 31 11.86 32.38 3.80
N GLY K 2 0.40 30.63 4.40
CA GLY K 2 0.04 29.97 3.16
C GLY K 2 -0.21 28.47 3.22
N LYS K 3 -0.40 27.89 2.04
CA LYS K 3 -0.70 26.46 1.95
C LYS K 3 0.46 25.62 2.47
N LEU K 4 1.69 26.12 2.35
CA LEU K 4 2.84 25.38 2.90
C LEU K 4 2.73 25.27 4.41
N GLU K 5 2.38 26.37 5.09
CA GLU K 5 2.23 26.35 6.54
C GLU K 5 1.12 25.41 6.99
N ALA K 6 -0.02 25.42 6.28
CA ALA K 6 -1.11 24.52 6.63
C ALA K 6 -0.67 23.07 6.52
N LEU K 7 0.11 22.75 5.50
CA LEU K 7 0.61 21.39 5.31
C LEU K 7 1.58 21.01 6.42
N ALA K 8 2.44 21.94 6.83
CA ALA K 8 3.37 21.65 7.92
C ALA K 8 2.62 21.38 9.21
N GLN K 9 1.53 22.11 9.46
CA GLN K 9 0.71 21.85 10.66
C GLN K 9 0.10 20.46 10.62
N LYS K 10 -0.38 20.03 9.44
CA LYS K 10 -0.92 18.69 9.31
C LYS K 10 0.16 17.64 9.51
N LEU K 11 1.38 17.93 9.09
CA LEU K 11 2.51 17.02 9.30
C LEU K 11 2.81 16.86 10.79
N GLU K 12 2.92 17.98 11.52
CA GLU K 12 3.19 17.90 12.95
C GLU K 12 2.06 17.18 13.69
N ALA K 13 0.81 17.36 13.25
CA ALA K 13 -0.27 16.64 13.93
C ALA K 13 -0.14 15.13 13.74
N LEU K 14 0.24 14.69 12.55
CA LEU K 14 0.47 13.27 12.28
C LEU K 14 1.64 12.76 13.13
N ALA K 15 2.71 13.55 13.21
CA ALA K 15 3.87 13.14 14.01
C ALA K 15 3.48 12.92 15.47
N LYS K 16 2.64 13.80 16.02
CA LYS K 16 2.21 13.62 17.39
C LYS K 16 1.39 12.35 17.54
N LYS K 17 0.56 12.03 16.55
CA LYS K 17 -0.22 10.80 16.64
C LYS K 17 0.70 9.59 16.54
N LEU K 18 1.75 9.69 15.73
N LEU K 18 1.75 9.68 15.74
CA LEU K 18 2.72 8.60 15.60
CA LEU K 18 2.70 8.58 15.61
C LEU K 18 3.44 8.36 16.93
C LEU K 18 3.47 8.35 16.92
N GLU K 19 3.88 9.43 17.57
CA GLU K 19 4.56 9.29 18.86
C GLU K 19 3.63 8.68 19.90
N ALA K 20 2.35 9.05 19.87
CA ALA K 20 1.41 8.44 20.82
C ALA K 20 1.33 6.93 20.61
N LEU K 21 1.38 6.48 19.35
CA LEU K 21 1.35 5.05 19.07
C LEU K 21 2.62 4.37 19.56
N ALA K 22 3.76 5.05 19.43
CA ALA K 22 5.01 4.48 19.93
C ALA K 22 4.96 4.26 21.43
N TRP K 23 4.41 5.22 22.18
CA TRP K 23 4.24 5.03 23.63
C TRP K 23 3.34 3.84 23.90
N LYS K 24 2.23 3.73 23.17
CA LYS K 24 1.29 2.64 23.39
C LYS K 24 1.93 1.29 23.06
N LEU K 25 2.69 1.23 21.96
CA LEU K 25 3.34 0.00 21.58
C LEU K 25 4.40 -0.39 22.61
N GLU K 26 5.12 0.61 23.13
CA GLU K 26 6.12 0.33 24.16
C GLU K 26 5.48 -0.23 25.42
N ALA K 27 4.32 0.32 25.81
CA ALA K 27 3.62 -0.20 26.98
C ALA K 27 3.18 -1.64 26.76
N LEU K 28 2.73 -1.97 25.55
CA LEU K 28 2.38 -3.35 25.22
C LEU K 28 3.61 -4.24 25.31
N ALA K 29 4.75 -3.77 24.83
CA ALA K 29 5.98 -4.54 24.92
C ALA K 29 6.39 -4.75 26.36
N GLN K 30 6.21 -3.72 27.20
CA GLN K 30 6.62 -3.84 28.59
C GLN K 30 5.68 -4.71 29.41
N GLY K 31 4.43 -4.83 29.00
CA GLY K 31 3.48 -5.65 29.74
C GLY K 31 3.53 -7.10 29.32
N GLY L 2 14.90 22.52 -5.97
CA GLY L 2 14.01 21.42 -5.66
C GLY L 2 13.84 21.14 -4.17
N LYS L 3 13.75 22.20 -3.37
CA LYS L 3 13.67 22.03 -1.92
C LYS L 3 12.37 21.35 -1.50
N LEU L 4 11.23 21.86 -1.97
CA LEU L 4 9.95 21.24 -1.62
C LEU L 4 9.84 19.83 -2.21
N GLU L 5 10.32 19.66 -3.45
CA GLU L 5 10.26 18.35 -4.09
C GLU L 5 11.07 17.32 -3.33
N ALA L 6 12.25 17.70 -2.83
CA ALA L 6 13.06 16.78 -2.03
C ALA L 6 12.37 16.41 -0.74
N LEU L 7 11.71 17.39 -0.09
CA LEU L 7 11.02 17.08 1.15
C LEU L 7 9.82 16.20 0.90
N ALA L 8 9.09 16.45 -0.21
CA ALA L 8 7.95 15.57 -0.49
C ALA L 8 8.41 14.14 -0.73
N GLN L 9 9.56 13.98 -1.41
CA GLN L 9 10.10 12.64 -1.62
C GLN L 9 10.45 11.96 -0.30
N LYS L 10 11.02 12.72 0.64
CA LYS L 10 11.35 12.17 1.95
C LYS L 10 10.09 11.80 2.73
N LEU L 11 9.04 12.60 2.60
CA LEU L 11 7.78 12.25 3.26
C LEU L 11 7.21 10.96 2.69
N GLU L 12 7.26 10.79 1.37
CA GLU L 12 6.76 9.56 0.77
C GLU L 12 7.58 8.36 1.20
N ALA L 13 8.91 8.51 1.27
CA ALA L 13 9.76 7.41 1.72
C ALA L 13 9.46 7.03 3.16
N LEU L 14 9.23 8.03 4.03
CA LEU L 14 8.89 7.73 5.43
C LEU L 14 7.52 7.09 5.52
N ALA L 15 6.57 7.49 4.68
CA ALA L 15 5.24 6.88 4.72
C ALA L 15 5.31 5.40 4.34
N LYS L 16 6.18 5.06 3.37
CA LYS L 16 6.36 3.65 3.01
C LYS L 16 7.07 2.89 4.13
N LYS L 17 8.00 3.54 4.82
CA LYS L 17 8.63 2.93 5.99
C LYS L 17 7.60 2.64 7.09
N LEU L 18 6.67 3.57 7.33
CA LEU L 18 5.65 3.32 8.34
C LEU L 18 4.74 2.17 7.93
N GLU L 19 4.40 2.08 6.64
CA GLU L 19 3.56 1.00 6.13
C GLU L 19 4.23 -0.34 6.30
N ALA L 20 5.54 -0.40 6.07
CA ALA L 20 6.27 -1.66 6.30
C ALA L 20 6.24 -2.03 7.78
N LEU L 21 6.35 -1.04 8.67
CA LEU L 21 6.30 -1.34 10.10
C LEU L 21 4.91 -1.79 10.51
N ALA L 22 3.88 -1.17 9.95
CA ALA L 22 2.52 -1.60 10.25
C ALA L 22 2.28 -3.04 9.81
N TRP L 23 2.80 -3.40 8.63
CA TRP L 23 2.68 -4.78 8.16
C TRP L 23 3.36 -5.75 9.16
N LYS L 24 4.55 -5.37 9.64
CA LYS L 24 5.26 -6.22 10.59
C LYS L 24 4.49 -6.35 11.91
N LEU L 25 3.87 -5.28 12.37
CA LEU L 25 3.06 -5.38 13.59
C LEU L 25 1.84 -6.26 13.37
N GLU L 26 1.21 -6.12 12.20
CA GLU L 26 0.08 -6.98 11.86
C GLU L 26 0.52 -8.44 11.80
N ALA L 27 1.70 -8.72 11.24
CA ALA L 27 2.21 -10.07 11.19
C ALA L 27 2.47 -10.63 12.59
N LEU L 28 3.01 -9.80 13.49
CA LEU L 28 3.25 -10.25 14.86
C LEU L 28 1.93 -10.53 15.56
N ALA L 29 0.92 -9.69 15.33
CA ALA L 29 -0.39 -9.89 15.94
C ALA L 29 -1.04 -11.17 15.46
N GLN L 30 -0.83 -11.51 14.18
CA GLN L 30 -1.45 -12.67 13.54
C GLN L 30 -0.76 -13.97 13.91
N GLY L 31 0.46 -13.92 14.43
CA GLY L 31 1.17 -15.13 14.82
C GLY L 31 0.81 -15.61 16.22
#